data_1VLI
#
_entry.id   1VLI
#
_cell.length_a   70.578
_cell.length_b   70.578
_cell.length_c   205.359
_cell.angle_alpha   90.00
_cell.angle_beta   90.00
_cell.angle_gamma   120.00
#
_symmetry.space_group_name_H-M   'P 32 2 1'
#
loop_
_entity.id
_entity.type
_entity.pdbx_description
1 polymer 'Spore coat polysaccharide biosynthesis protein spsE'
2 non-polymer 'ZINC ION'
3 water water
#
_entity_poly.entity_id   1
_entity_poly.type   'polypeptide(L)'
_entity_poly.pdbx_seq_one_letter_code
;(MSE)GSDKIHHHHHH(MSE)AAFQIANKTVGKDAPVFIIAEAGINHDGKLDQAFALIDAAAEAGADAVKFQ(MSE)FQA
DR(MSE)YQKDPGLYKTAAGKDVSIFSLVQS(MSE)E(MSE)PAEWILPLLDYCREKQVIFLSTVCDEGSADLLQSTSPS
AFKIASYEINHLPLLKYVARLNRP(MSE)IFSTAGAEISDVHEAWRTIRAEGNNQIAI(MSE)HCVAKYPAPPEYSNLSV
IP(MSE)LAAAFPEAVIGFSDHSEHPTEAPCAAVRLGAKLIEKHFTIDKNLPGADHSFALNPDELKE(MSE)VDGIRKTE
AELKQGITKPVSEKLLGSSYKTTTAIEGEIRNFAYRGIFTTAPIQKGEAFSEDNIAVLRPGQKPQGLHPRFFELLTSGVR
AVRDIPADTGIVWDDILLKDSPFHE
;
_entity_poly.pdbx_strand_id   A
#
# COMPACT_ATOMS: atom_id res chain seq x y z
N ALA A 14 -18.91 4.88 -9.00
CA ALA A 14 -17.57 4.29 -8.72
C ALA A 14 -17.68 2.85 -8.19
N ALA A 15 -17.37 1.91 -9.08
CA ALA A 15 -17.42 0.47 -8.80
C ALA A 15 -16.48 -0.28 -9.76
N PHE A 16 -15.97 -1.45 -9.32
CA PHE A 16 -15.18 -2.34 -10.17
C PHE A 16 -15.12 -3.77 -9.62
N GLN A 17 -14.44 -4.67 -10.33
CA GLN A 17 -14.40 -6.08 -9.94
C GLN A 17 -13.01 -6.47 -9.42
N ILE A 18 -12.91 -6.96 -8.18
CA ILE A 18 -11.72 -7.73 -7.80
C ILE A 18 -12.03 -9.24 -7.90
N ALA A 19 -11.39 -9.93 -8.83
CA ALA A 19 -11.72 -11.36 -9.11
C ALA A 19 -13.21 -11.44 -9.47
N ASN A 20 -13.98 -12.17 -8.67
CA ASN A 20 -15.40 -12.39 -8.93
C ASN A 20 -16.34 -11.52 -8.08
N LYS A 21 -15.82 -10.40 -7.55
CA LYS A 21 -16.48 -9.64 -6.49
C LYS A 21 -16.49 -8.14 -6.72
N THR A 22 -17.64 -7.51 -6.50
CA THR A 22 -17.76 -6.07 -6.67
C THR A 22 -17.25 -5.28 -5.48
N VAL A 23 -16.68 -4.14 -5.81
CA VAL A 23 -16.11 -3.22 -4.83
C VAL A 23 -16.65 -1.84 -5.18
N GLY A 24 -17.25 -1.16 -4.21
CA GLY A 24 -17.78 0.18 -4.47
C GLY A 24 -19.28 0.29 -4.37
N LYS A 25 -19.86 1.27 -5.08
CA LYS A 25 -21.30 1.61 -4.96
C LYS A 25 -22.20 0.38 -4.93
N ASP A 26 -22.95 0.21 -3.83
CA ASP A 26 -23.98 -0.86 -3.64
C ASP A 26 -23.43 -2.25 -3.41
N ALA A 27 -22.12 -2.41 -3.59
CA ALA A 27 -21.45 -3.66 -3.28
C ALA A 27 -21.18 -3.77 -1.76
N PRO A 28 -21.06 -5.01 -1.25
CA PRO A 28 -20.63 -5.23 0.14
C PRO A 28 -19.22 -4.66 0.38
N VAL A 29 -18.92 -4.24 1.61
CA VAL A 29 -17.57 -3.82 1.96
C VAL A 29 -16.60 -4.95 1.66
N PHE A 30 -15.47 -4.63 1.03
CA PHE A 30 -14.45 -5.61 0.67
C PHE A 30 -13.42 -5.68 1.79
N ILE A 31 -13.34 -6.84 2.44
CA ILE A 31 -12.50 -7.02 3.65
C ILE A 31 -11.22 -7.77 3.38
N ILE A 32 -10.12 -7.09 3.71
CA ILE A 32 -8.76 -7.63 3.49
C ILE A 32 -8.15 -8.00 4.83
N ALA A 33 -7.94 -9.31 5.05
CA ALA A 33 -7.18 -9.72 6.22
C ALA A 33 -5.69 -9.69 5.89
N GLU A 34 -4.92 -8.92 6.65
CA GLU A 34 -3.52 -8.65 6.35
C GLU A 34 -2.62 -9.53 7.25
N ALA A 35 -2.11 -10.61 6.63
CA ALA A 35 -1.29 -11.63 7.30
C ALA A 35 0.17 -11.19 7.46
N GLY A 36 0.65 -10.34 6.55
CA GLY A 36 1.99 -9.76 6.64
C GLY A 36 3.08 -10.82 6.54
N ILE A 37 3.84 -10.97 7.63
CA ILE A 37 4.85 -12.03 7.77
C ILE A 37 4.55 -12.96 8.95
N ASN A 38 3.34 -12.88 9.48
CA ASN A 38 2.94 -13.62 10.68
C ASN A 38 2.88 -15.16 10.53
N HIS A 39 3.35 -15.69 9.41
CA HIS A 39 3.51 -17.14 9.23
C HIS A 39 4.81 -17.67 9.85
N ASP A 40 5.67 -16.75 10.28
CA ASP A 40 6.94 -17.00 10.93
C ASP A 40 7.87 -17.95 10.15
N GLY A 41 7.79 -17.92 8.82
CA GLY A 41 8.55 -18.82 7.93
C GLY A 41 8.11 -20.28 7.93
N LYS A 42 6.91 -20.54 8.42
CA LYS A 42 6.38 -21.89 8.46
C LYS A 42 5.16 -21.96 7.54
N LEU A 43 5.29 -22.77 6.48
CA LEU A 43 4.25 -22.89 5.44
C LEU A 43 2.90 -23.36 5.98
N ASP A 44 2.92 -24.27 6.95
CA ASP A 44 1.67 -24.75 7.54
C ASP A 44 0.98 -23.63 8.33
N GLN A 45 1.78 -22.72 8.91
CA GLN A 45 1.26 -21.57 9.63
C GLN A 45 0.68 -20.55 8.66
N ALA A 46 1.27 -20.48 7.46
CA ALA A 46 0.69 -19.69 6.37
C ALA A 46 -0.70 -20.22 5.97
N PHE A 47 -0.84 -21.54 5.82
CA PHE A 47 -2.15 -22.19 5.55
C PHE A 47 -3.14 -21.93 6.67
N ALA A 48 -2.65 -21.90 7.91
CA ALA A 48 -3.53 -21.66 9.07
C ALA A 48 -4.05 -20.19 9.07
N LEU A 49 -3.22 -19.26 8.64
CA LEU A 49 -3.65 -17.85 8.54
C LEU A 49 -4.76 -17.71 7.50
N ILE A 50 -4.50 -18.25 6.31
CA ILE A 50 -5.55 -18.46 5.29
C ILE A 50 -6.83 -19.00 5.90
N ASP A 51 -6.75 -20.09 6.68
CA ASP A 51 -7.93 -20.68 7.35
C ASP A 51 -8.67 -19.68 8.19
N ALA A 52 -7.91 -18.98 9.03
CA ALA A 52 -8.48 -18.01 9.96
C ALA A 52 -9.24 -16.89 9.24
N ALA A 53 -8.64 -16.39 8.15
CA ALA A 53 -9.25 -15.38 7.30
C ALA A 53 -10.56 -15.86 6.69
N ALA A 54 -10.54 -17.08 6.16
CA ALA A 54 -11.69 -17.72 5.57
C ALA A 54 -12.81 -17.93 6.59
N GLU A 55 -12.47 -18.51 7.74
CA GLU A 55 -13.47 -18.84 8.78
C GLU A 55 -14.07 -17.52 9.30
N ALA A 56 -13.25 -16.48 9.37
CA ALA A 56 -13.73 -15.14 9.73
C ALA A 56 -14.68 -14.49 8.70
N GLY A 57 -14.67 -14.97 7.46
CA GLY A 57 -15.51 -14.40 6.38
C GLY A 57 -14.91 -13.13 5.74
N ALA A 58 -13.59 -13.02 5.76
CA ALA A 58 -12.88 -12.02 5.00
C ALA A 58 -12.95 -12.31 3.48
N ASP A 59 -12.73 -11.29 2.67
CA ASP A 59 -12.81 -11.41 1.22
C ASP A 59 -11.48 -11.76 0.62
N ALA A 60 -10.43 -11.29 1.28
CA ALA A 60 -9.09 -11.31 0.73
C ALA A 60 -8.16 -11.62 1.87
N VAL A 61 -7.00 -12.19 1.54
CA VAL A 61 -5.95 -12.40 2.52
C VAL A 61 -4.71 -11.88 1.87
N LYS A 62 -3.96 -11.08 2.64
CA LYS A 62 -2.81 -10.39 2.09
C LYS A 62 -1.50 -10.81 2.76
N PHE A 63 -0.50 -11.22 1.93
CA PHE A 63 0.85 -11.60 2.36
C PHE A 63 1.93 -10.69 1.78
N GLN A 64 2.97 -10.43 2.57
CA GLN A 64 4.17 -9.76 2.04
C GLN A 64 4.99 -10.73 1.19
N PHE A 66 7.73 -9.36 -0.93
CA PHE A 66 9.05 -8.81 -1.19
C PHE A 66 9.69 -8.19 0.06
N GLN A 67 11.02 -8.34 0.15
CA GLN A 67 11.80 -7.84 1.30
C GLN A 67 11.98 -6.33 1.24
N ALA A 68 12.11 -5.70 2.40
CA ALA A 68 12.13 -4.23 2.51
C ALA A 68 13.42 -3.56 1.99
N ASP A 69 14.53 -4.30 2.05
CA ASP A 69 15.86 -3.81 1.63
C ASP A 69 15.87 -3.19 0.21
N ARG A 70 15.20 -3.87 -0.72
CA ARG A 70 15.14 -3.47 -2.14
C ARG A 70 14.51 -2.07 -2.33
N TYR A 72 15.37 0.65 -0.39
CA TYR A 72 16.33 1.65 0.12
C TYR A 72 17.65 1.68 -0.68
N GLN A 73 17.97 0.55 -1.31
CA GLN A 73 19.17 0.36 -2.14
C GLN A 73 18.85 -0.51 -3.38
N LYS A 74 19.33 -0.10 -4.56
CA LYS A 74 19.26 -0.91 -5.78
C LYS A 74 20.21 -2.11 -5.65
N ASP A 75 19.71 -3.32 -5.94
CA ASP A 75 20.51 -4.54 -5.80
C ASP A 75 20.93 -5.07 -7.18
N PRO A 76 22.23 -5.21 -7.44
CA PRO A 76 22.71 -5.78 -8.73
C PRO A 76 22.65 -7.32 -8.79
N ASP A 86 21.99 -10.12 -17.39
CA ASP A 86 20.88 -11.08 -17.41
C ASP A 86 20.69 -11.76 -16.03
N VAL A 87 19.70 -11.31 -15.26
CA VAL A 87 19.59 -11.64 -13.81
C VAL A 87 19.09 -13.07 -13.49
N SER A 88 19.81 -13.76 -12.60
CA SER A 88 19.54 -15.14 -12.21
C SER A 88 18.35 -15.34 -11.26
N ILE A 89 17.55 -16.39 -11.46
CA ILE A 89 16.41 -16.67 -10.57
C ILE A 89 16.88 -16.96 -9.15
N PHE A 90 18.10 -17.46 -9.03
CA PHE A 90 18.66 -17.83 -7.74
C PHE A 90 19.01 -16.60 -6.94
N SER A 91 19.33 -15.50 -7.60
CA SER A 91 19.46 -14.28 -6.86
C SER A 91 18.10 -13.64 -6.62
N LEU A 92 17.19 -13.70 -7.59
CA LEU A 92 15.83 -13.17 -7.38
C LEU A 92 15.21 -13.67 -6.11
N VAL A 93 15.22 -14.97 -5.89
CA VAL A 93 14.54 -15.54 -4.73
C VAL A 93 15.09 -15.07 -3.39
N GLN A 94 16.35 -14.63 -3.35
CA GLN A 94 16.99 -14.12 -2.12
C GLN A 94 16.34 -12.80 -1.68
N SER A 95 15.64 -12.16 -2.61
CA SER A 95 15.01 -10.88 -2.38
C SER A 95 13.54 -10.96 -1.99
N GLU A 97 10.21 -12.43 0.41
CA GLU A 97 9.93 -12.73 1.81
C GLU A 97 9.67 -14.18 2.09
N PRO A 99 9.59 -18.33 0.72
CA PRO A 99 10.21 -19.21 -0.30
C PRO A 99 9.34 -19.33 -1.57
N ALA A 100 9.97 -19.17 -2.73
CA ALA A 100 9.28 -19.26 -4.01
C ALA A 100 8.43 -20.52 -4.19
N GLU A 101 8.83 -21.62 -3.53
CA GLU A 101 8.06 -22.86 -3.67
C GLU A 101 6.75 -22.86 -2.90
N TRP A 102 6.54 -21.82 -2.10
CA TRP A 102 5.27 -21.65 -1.36
C TRP A 102 4.14 -21.15 -2.23
N ILE A 103 4.46 -20.35 -3.23
CA ILE A 103 3.53 -19.45 -3.90
C ILE A 103 2.37 -20.12 -4.64
N LEU A 104 2.65 -21.06 -5.53
CA LEU A 104 1.56 -21.81 -6.21
C LEU A 104 0.64 -22.54 -5.20
N PRO A 105 1.21 -23.33 -4.27
CA PRO A 105 0.42 -23.89 -3.16
C PRO A 105 -0.42 -22.87 -2.39
N LEU A 106 0.16 -21.74 -1.95
CA LEU A 106 -0.68 -20.75 -1.25
C LEU A 106 -1.86 -20.33 -2.12
N LEU A 107 -1.57 -19.99 -3.38
CA LEU A 107 -2.59 -19.52 -4.33
C LEU A 107 -3.67 -20.56 -4.53
N ASP A 108 -3.25 -21.80 -4.76
CA ASP A 108 -4.17 -22.92 -4.76
C ASP A 108 -5.02 -22.99 -3.49
N TYR A 109 -4.40 -22.84 -2.34
CA TYR A 109 -5.14 -23.01 -1.10
C TYR A 109 -6.11 -21.85 -0.84
N CYS A 110 -5.73 -20.65 -1.29
CA CYS A 110 -6.64 -19.51 -1.28
C CYS A 110 -7.83 -19.78 -2.18
N ARG A 111 -7.57 -20.28 -3.38
CA ARG A 111 -8.62 -20.53 -4.38
C ARG A 111 -9.62 -21.53 -3.86
N GLU A 112 -9.14 -22.52 -3.12
CA GLU A 112 -10.08 -23.48 -2.60
C GLU A 112 -10.78 -23.06 -1.30
N LYS A 113 -10.21 -22.12 -0.53
CA LYS A 113 -10.91 -21.62 0.67
C LYS A 113 -11.74 -20.37 0.30
N GLN A 114 -11.81 -20.11 -1.00
CA GLN A 114 -12.57 -19.01 -1.59
C GLN A 114 -12.21 -17.66 -0.98
N VAL A 115 -10.91 -17.46 -0.79
CA VAL A 115 -10.43 -16.12 -0.46
C VAL A 115 -9.46 -15.66 -1.55
N ILE A 116 -9.37 -14.34 -1.68
CA ILE A 116 -8.60 -13.74 -2.74
C ILE A 116 -7.26 -13.35 -2.18
N PHE A 117 -6.23 -13.96 -2.73
CA PHE A 117 -4.85 -13.67 -2.40
C PHE A 117 -4.47 -12.33 -2.98
N LEU A 118 -3.86 -11.50 -2.12
CA LEU A 118 -3.31 -10.20 -2.53
C LEU A 118 -1.93 -9.98 -1.96
N SER A 119 -1.12 -9.25 -2.70
CA SER A 119 0.15 -8.78 -2.17
C SER A 119 0.45 -7.33 -2.62
N THR A 120 1.62 -6.85 -2.21
CA THR A 120 2.06 -5.47 -2.47
C THR A 120 3.29 -5.45 -3.36
N VAL A 121 3.31 -4.52 -4.32
CA VAL A 121 4.50 -4.29 -5.13
C VAL A 121 5.15 -2.94 -4.84
N CYS A 122 6.47 -2.88 -5.01
CA CYS A 122 7.22 -1.65 -4.76
C CYS A 122 8.20 -1.22 -5.86
N ASP A 123 8.27 -1.97 -6.95
CA ASP A 123 9.03 -1.58 -8.13
C ASP A 123 8.61 -2.37 -9.36
N GLU A 124 9.22 -2.03 -10.49
CA GLU A 124 8.93 -2.68 -11.76
C GLU A 124 9.11 -4.22 -11.67
N GLY A 125 10.19 -4.66 -11.01
CA GLY A 125 10.54 -6.07 -10.89
C GLY A 125 9.63 -6.90 -9.98
N SER A 126 9.27 -6.34 -8.83
CA SER A 126 8.27 -6.98 -7.95
C SER A 126 6.92 -7.05 -8.68
N ALA A 127 6.60 -5.98 -9.41
CA ALA A 127 5.39 -5.95 -10.23
C ALA A 127 5.35 -7.13 -11.24
N ASP A 128 6.47 -7.43 -11.86
CA ASP A 128 6.52 -8.46 -12.87
C ASP A 128 6.35 -9.83 -12.27
N LEU A 129 6.97 -10.04 -11.11
CA LEU A 129 6.87 -11.29 -10.41
C LEU A 129 5.43 -11.56 -10.02
N LEU A 130 4.77 -10.58 -9.39
CA LEU A 130 3.36 -10.70 -9.02
C LEU A 130 2.49 -10.88 -10.26
N GLN A 131 2.80 -10.14 -11.32
CA GLN A 131 2.02 -10.24 -12.55
C GLN A 131 2.01 -11.70 -13.01
N SER A 132 3.14 -12.40 -12.86
CA SER A 132 3.26 -13.71 -13.44
C SER A 132 2.35 -14.71 -12.73
N THR A 133 1.72 -14.31 -11.63
CA THR A 133 0.74 -15.14 -10.94
C THR A 133 -0.72 -14.75 -11.24
N SER A 134 -0.96 -13.87 -12.23
CA SER A 134 -2.31 -13.36 -12.55
C SER A 134 -3.02 -12.72 -11.36
N PRO A 135 -2.47 -11.65 -10.77
CA PRO A 135 -3.04 -11.09 -9.53
C PRO A 135 -4.46 -10.53 -9.77
N SER A 136 -5.29 -10.43 -8.72
CA SER A 136 -6.62 -9.78 -8.81
C SER A 136 -6.57 -8.25 -8.63
N ALA A 137 -5.44 -7.75 -8.15
CA ALA A 137 -5.29 -6.33 -7.85
C ALA A 137 -3.88 -6.17 -7.42
N PHE A 138 -3.39 -4.95 -7.57
CA PHE A 138 -2.08 -4.55 -7.11
C PHE A 138 -2.33 -3.59 -5.95
N LYS A 139 -1.59 -3.80 -4.87
CA LYS A 139 -1.64 -3.02 -3.69
C LYS A 139 -0.34 -2.20 -3.66
N ILE A 140 -0.44 -0.91 -3.36
CA ILE A 140 0.73 -0.03 -3.30
C ILE A 140 0.74 0.56 -1.88
N ALA A 141 1.89 0.54 -1.22
CA ALA A 141 2.05 1.06 0.13
C ALA A 141 2.09 2.60 0.09
N SER A 142 1.91 3.20 1.27
CA SER A 142 1.88 4.65 1.42
C SER A 142 3.14 5.34 0.89
N TYR A 143 4.32 4.77 1.17
CA TYR A 143 5.58 5.45 0.84
C TYR A 143 5.92 5.44 -0.65
N GLU A 144 5.23 4.57 -1.39
CA GLU A 144 5.27 4.60 -2.85
C GLU A 144 4.15 5.42 -3.49
N ILE A 145 3.45 6.23 -2.71
CA ILE A 145 2.39 7.06 -3.30
C ILE A 145 2.91 7.99 -4.40
N ASN A 146 4.21 8.28 -4.38
CA ASN A 146 4.80 9.22 -5.32
C ASN A 146 5.77 8.53 -6.27
N HIS A 147 5.72 7.20 -6.30
CA HIS A 147 6.55 6.46 -7.23
C HIS A 147 5.80 6.41 -8.53
N LEU A 148 5.81 7.55 -9.20
CA LEU A 148 5.01 7.77 -10.39
C LEU A 148 5.37 6.83 -11.55
N PRO A 149 6.66 6.60 -11.82
CA PRO A 149 7.01 5.59 -12.84
C PRO A 149 6.45 4.20 -12.49
N LEU A 150 6.49 3.82 -11.21
CA LEU A 150 5.84 2.59 -10.78
C LEU A 150 4.33 2.62 -10.97
N LEU A 151 3.67 3.73 -10.62
CA LEU A 151 2.22 3.78 -10.76
C LEU A 151 1.81 3.63 -12.22
N LYS A 152 2.59 4.23 -13.11
CA LYS A 152 2.35 4.19 -14.55
C LYS A 152 2.55 2.77 -15.07
N TYR A 153 3.58 2.12 -14.57
CA TYR A 153 3.99 0.82 -15.06
C TYR A 153 2.93 -0.21 -14.72
N VAL A 154 2.46 -0.19 -13.49
CA VAL A 154 1.43 -1.11 -13.07
C VAL A 154 0.06 -0.74 -13.66
N ALA A 155 -0.27 0.55 -13.72
CA ALA A 155 -1.54 0.96 -14.32
C ALA A 155 -1.76 0.30 -15.71
N ARG A 156 -0.69 0.12 -16.47
CA ARG A 156 -0.78 -0.41 -17.83
C ARG A 156 -1.12 -1.91 -17.90
N LEU A 157 -1.10 -2.58 -16.75
CA LEU A 157 -1.40 -3.99 -16.70
C LEU A 157 -2.90 -4.23 -16.62
N ASN A 158 -3.65 -3.14 -16.45
CA ASN A 158 -5.11 -3.14 -16.44
C ASN A 158 -5.85 -3.93 -15.35
N ARG A 159 -5.23 -4.06 -14.21
CA ARG A 159 -5.88 -4.63 -13.08
C ARG A 159 -6.22 -3.55 -12.06
N PRO A 160 -7.15 -3.86 -11.16
CA PRO A 160 -7.46 -2.95 -10.09
C PRO A 160 -6.22 -2.50 -9.30
N ILE A 162 -5.00 -0.56 -5.65
CA ILE A 162 -5.36 -0.06 -4.31
C ILE A 162 -4.17 0.68 -3.79
N PHE A 163 -4.32 1.98 -3.51
CA PHE A 163 -3.17 2.70 -2.96
C PHE A 163 -3.45 3.35 -1.61
N SER A 164 -2.43 3.36 -0.76
CA SER A 164 -2.59 3.83 0.58
C SER A 164 -2.08 5.26 0.69
N THR A 165 -2.49 5.97 1.73
CA THR A 165 -2.19 7.39 1.80
C THR A 165 -1.68 7.90 3.15
N ALA A 166 -0.94 7.07 3.90
CA ALA A 166 -0.43 7.54 5.20
C ALA A 166 0.48 8.72 5.00
N GLY A 167 0.21 9.78 5.78
CA GLY A 167 1.07 10.98 5.74
C GLY A 167 0.99 11.86 4.50
N ALA A 168 -0.01 11.60 3.64
CA ALA A 168 -0.13 12.26 2.34
C ALA A 168 -0.98 13.49 2.51
N GLU A 169 -0.80 14.46 1.62
CA GLU A 169 -1.75 15.54 1.51
C GLU A 169 -2.56 15.33 0.26
N ILE A 170 -3.55 16.18 0.04
CA ILE A 170 -4.52 15.98 -1.03
C ILE A 170 -3.88 15.98 -2.44
N SER A 171 -2.84 16.77 -2.60
CA SER A 171 -2.17 16.88 -3.88
C SER A 171 -1.40 15.60 -4.23
N ASP A 172 -0.86 14.91 -3.24
CA ASP A 172 -0.20 13.59 -3.49
C ASP A 172 -1.24 12.55 -3.93
N VAL A 173 -2.40 12.62 -3.29
CA VAL A 173 -3.46 11.66 -3.58
C VAL A 173 -3.92 11.92 -5.02
N HIS A 174 -4.07 13.19 -5.34
CA HIS A 174 -4.49 13.61 -6.67
C HIS A 174 -3.52 13.21 -7.78
N GLU A 175 -2.22 13.37 -7.51
CA GLU A 175 -1.20 13.15 -8.51
C GLU A 175 -1.06 11.66 -8.79
N ALA A 176 -1.19 10.87 -7.73
CA ALA A 176 -1.15 9.41 -7.84
C ALA A 176 -2.37 8.93 -8.64
N TRP A 177 -3.51 9.54 -8.35
CA TRP A 177 -4.77 9.23 -9.03
C TRP A 177 -4.71 9.52 -10.52
N ARG A 178 -4.37 10.77 -10.85
CA ARG A 178 -4.19 11.23 -12.23
C ARG A 178 -3.24 10.38 -13.05
N THR A 179 -2.17 9.94 -12.41
CA THR A 179 -1.12 9.17 -13.07
C THR A 179 -1.64 7.79 -13.52
N ILE A 180 -2.50 7.19 -12.70
CA ILE A 180 -3.07 5.88 -13.05
C ILE A 180 -4.15 6.08 -14.10
N ARG A 181 -4.96 7.11 -13.92
CA ARG A 181 -6.01 7.39 -14.87
C ARG A 181 -5.48 7.68 -16.25
N ALA A 182 -4.38 8.44 -16.33
CA ALA A 182 -3.81 8.83 -17.61
C ALA A 182 -3.42 7.62 -18.49
N GLU A 183 -3.21 6.46 -17.87
CA GLU A 183 -2.82 5.26 -18.63
C GLU A 183 -4.02 4.43 -19.09
N GLY A 184 -5.22 4.95 -18.88
CA GLY A 184 -6.44 4.26 -19.26
C GLY A 184 -7.03 3.33 -18.22
N ASN A 185 -6.43 3.25 -17.04
CA ASN A 185 -6.95 2.40 -15.98
C ASN A 185 -7.80 3.21 -15.00
N ASN A 186 -9.09 2.91 -14.90
CA ASN A 186 -9.97 3.63 -13.98
C ASN A 186 -10.53 2.79 -12.84
N GLN A 187 -9.88 1.68 -12.52
CA GLN A 187 -10.28 0.79 -11.39
C GLN A 187 -9.39 1.04 -10.18
N ILE A 188 -9.65 2.16 -9.50
CA ILE A 188 -8.76 2.67 -8.46
C ILE A 188 -9.49 2.71 -7.13
N ALA A 189 -8.80 2.30 -6.06
CA ALA A 189 -9.30 2.40 -4.67
C ALA A 189 -8.22 3.11 -3.87
N ILE A 190 -8.63 4.02 -3.00
CA ILE A 190 -7.71 4.89 -2.25
C ILE A 190 -7.94 4.59 -0.77
N HIS A 192 -7.43 5.42 3.16
CA HIS A 192 -6.98 6.27 4.23
C HIS A 192 -6.28 5.41 5.25
N CYS A 193 -5.32 5.97 5.96
CA CYS A 193 -4.43 5.14 6.72
C CYS A 193 -3.55 5.98 7.64
N VAL A 194 -3.19 5.45 8.80
CA VAL A 194 -2.19 6.07 9.69
C VAL A 194 -0.93 5.17 9.85
N ALA A 195 0.26 5.73 9.58
CA ALA A 195 1.50 4.90 9.51
C ALA A 195 2.05 4.37 10.85
N LYS A 196 1.61 4.97 11.95
CA LYS A 196 1.87 4.41 13.27
C LYS A 196 1.20 3.03 13.46
N TYR A 197 1.90 2.12 14.13
CA TYR A 197 1.33 0.82 14.46
C TYR A 197 1.81 0.39 15.85
N PRO A 198 0.87 0.21 16.79
CA PRO A 198 -0.55 0.47 16.57
C PRO A 198 -0.87 1.97 16.64
N ALA A 199 -2.03 2.34 16.08
CA ALA A 199 -2.45 3.72 16.01
C ALA A 199 -3.54 3.96 17.04
N PRO A 200 -3.28 4.83 18.02
CA PRO A 200 -4.29 5.18 19.03
C PRO A 200 -5.55 5.74 18.33
N PRO A 201 -6.73 5.42 18.85
CA PRO A 201 -8.00 5.92 18.28
C PRO A 201 -8.05 7.42 17.90
N GLU A 202 -7.45 8.30 18.71
CA GLU A 202 -7.46 9.77 18.50
C GLU A 202 -6.84 10.15 17.17
N TYR A 203 -6.02 9.25 16.63
CA TYR A 203 -5.29 9.50 15.39
C TYR A 203 -5.95 8.97 14.12
N SER A 204 -7.14 8.43 14.26
CA SER A 204 -7.88 7.85 13.12
C SER A 204 -8.20 8.85 12.02
N ASN A 205 -8.54 10.09 12.41
CA ASN A 205 -9.07 11.10 11.52
C ASN A 205 -10.02 10.55 10.46
N LEU A 206 -11.08 9.87 10.89
CA LEU A 206 -12.05 9.27 9.96
C LEU A 206 -12.85 10.25 9.09
N SER A 207 -12.95 11.53 9.49
CA SER A 207 -13.63 12.52 8.63
C SER A 207 -12.92 12.64 7.27
N VAL A 208 -11.72 12.08 7.16
CA VAL A 208 -11.00 12.07 5.92
C VAL A 208 -11.68 11.21 4.85
N ILE A 209 -12.36 10.14 5.29
CA ILE A 209 -13.01 9.23 4.35
C ILE A 209 -14.07 9.91 3.46
N PRO A 210 -15.15 10.50 4.02
CA PRO A 210 -16.07 11.33 3.20
C PRO A 210 -15.44 12.47 2.41
N LEU A 212 -12.34 12.53 1.06
CA LEU A 212 -11.78 11.89 -0.15
C LEU A 212 -12.85 11.42 -1.13
N ALA A 213 -13.95 10.93 -0.63
CA ALA A 213 -14.98 10.36 -1.50
C ALA A 213 -15.63 11.45 -2.37
N ALA A 214 -15.90 12.60 -1.75
CA ALA A 214 -16.40 13.73 -2.51
C ALA A 214 -15.31 14.24 -3.43
N ALA A 215 -14.07 14.32 -2.94
CA ALA A 215 -12.96 14.85 -3.75
C ALA A 215 -12.61 14.02 -4.99
N PHE A 216 -12.77 12.69 -4.88
CA PHE A 216 -12.51 11.74 -5.98
C PHE A 216 -13.71 10.84 -6.23
N PRO A 217 -14.79 11.37 -6.80
CA PRO A 217 -16.04 10.66 -6.80
C PRO A 217 -16.03 9.46 -7.76
N GLU A 218 -14.98 9.31 -8.56
CA GLU A 218 -14.84 8.07 -9.35
C GLU A 218 -13.91 7.03 -8.73
N ALA A 219 -13.30 7.36 -7.60
CA ALA A 219 -12.47 6.41 -6.87
C ALA A 219 -13.39 5.74 -5.84
N VAL A 220 -13.02 4.51 -5.44
CA VAL A 220 -13.65 3.85 -4.29
C VAL A 220 -12.72 4.07 -3.11
N ILE A 221 -13.27 4.44 -1.96
CA ILE A 221 -12.45 4.83 -0.80
C ILE A 221 -12.52 3.78 0.31
N GLY A 222 -11.36 3.36 0.82
CA GLY A 222 -11.33 2.49 2.02
C GLY A 222 -10.57 3.04 3.22
N PHE A 223 -10.30 2.12 4.14
CA PHE A 223 -9.56 2.41 5.37
C PHE A 223 -8.69 1.22 5.77
N SER A 224 -7.37 1.39 5.79
CA SER A 224 -6.49 0.40 6.45
C SER A 224 -6.37 0.80 7.90
N ASP A 225 -6.79 -0.12 8.77
CA ASP A 225 -6.92 0.13 10.19
C ASP A 225 -5.73 -0.40 10.96
N HIS A 226 -5.00 0.50 11.60
CA HIS A 226 -3.85 0.13 12.43
C HIS A 226 -4.11 0.20 13.94
N SER A 227 -5.35 0.47 14.32
CA SER A 227 -5.74 0.51 15.73
C SER A 227 -6.01 -0.89 16.26
N GLU A 228 -5.83 -1.04 17.57
CA GLU A 228 -5.91 -2.31 18.30
C GLU A 228 -7.31 -2.93 18.36
N HIS A 229 -8.29 -2.13 18.75
CA HIS A 229 -9.64 -2.60 18.95
C HIS A 229 -10.22 -3.30 17.73
N PRO A 230 -10.92 -4.42 17.92
CA PRO A 230 -11.49 -5.18 16.79
C PRO A 230 -12.60 -4.49 15.95
N THR A 231 -13.48 -3.69 16.57
CA THR A 231 -14.66 -3.13 15.87
C THR A 231 -14.86 -1.61 15.86
N GLU A 232 -14.33 -0.86 16.83
CA GLU A 232 -14.75 0.54 16.91
C GLU A 232 -14.39 1.39 15.69
N ALA A 233 -13.13 1.32 15.23
CA ALA A 233 -12.75 2.08 14.04
C ALA A 233 -13.22 1.43 12.72
N PRO A 234 -13.10 0.09 12.53
CA PRO A 234 -13.68 -0.54 11.32
C PRO A 234 -15.17 -0.16 11.09
N CYS A 235 -16.02 -0.34 12.08
CA CYS A 235 -17.43 -0.04 11.94
C CYS A 235 -17.75 1.45 11.76
N ALA A 236 -17.05 2.31 12.49
CA ALA A 236 -17.26 3.76 12.35
C ALA A 236 -16.90 4.15 10.92
N ALA A 237 -15.78 3.64 10.42
CA ALA A 237 -15.36 3.88 9.03
C ALA A 237 -16.43 3.47 8.01
N VAL A 238 -16.96 2.24 8.19
CA VAL A 238 -17.98 1.70 7.30
C VAL A 238 -19.20 2.61 7.31
N ARG A 239 -19.61 3.05 8.50
CA ARG A 239 -20.79 3.92 8.54
C ARG A 239 -20.50 5.38 8.14
N LEU A 240 -19.24 5.68 7.83
CA LEU A 240 -18.84 6.92 7.16
C LEU A 240 -18.60 6.70 5.68
N GLY A 241 -18.89 5.50 5.16
CA GLY A 241 -18.89 5.26 3.73
C GLY A 241 -17.73 4.44 3.16
N ALA A 242 -16.79 4.00 4.00
CA ALA A 242 -15.62 3.20 3.52
C ALA A 242 -16.11 1.95 2.80
N LYS A 243 -15.49 1.56 1.69
CA LYS A 243 -15.95 0.36 0.96
C LYS A 243 -14.95 -0.82 0.94
N LEU A 244 -13.77 -0.59 1.54
CA LEU A 244 -12.82 -1.62 1.88
C LEU A 244 -12.23 -1.31 3.24
N ILE A 245 -11.89 -2.38 3.95
CA ILE A 245 -11.26 -2.33 5.27
C ILE A 245 -10.11 -3.29 5.24
N GLU A 246 -8.95 -2.84 5.71
CA GLU A 246 -7.80 -3.70 5.86
C GLU A 246 -7.44 -3.73 7.36
N LYS A 247 -7.26 -4.94 7.92
CA LYS A 247 -6.81 -5.11 9.31
C LYS A 247 -5.80 -6.25 9.39
N HIS A 248 -4.75 -6.06 10.20
CA HIS A 248 -3.78 -7.13 10.47
C HIS A 248 -4.41 -8.21 11.35
N PHE A 249 -4.06 -9.47 11.06
CA PHE A 249 -4.43 -10.56 11.92
C PHE A 249 -3.27 -11.55 12.08
N THR A 250 -3.34 -12.32 13.15
CA THR A 250 -2.34 -13.33 13.43
C THR A 250 -3.08 -14.58 13.87
N ILE A 251 -2.33 -15.64 14.12
CA ILE A 251 -2.92 -16.90 14.54
C ILE A 251 -2.91 -16.97 16.06
N ASP A 252 -2.04 -16.16 16.68
CA ASP A 252 -1.83 -16.13 18.13
C ASP A 252 -1.07 -14.85 18.52
N LYS A 253 -1.73 -13.99 19.29
CA LYS A 253 -1.22 -12.64 19.63
C LYS A 253 0.04 -12.65 20.50
N ASN A 254 0.30 -13.78 21.15
CA ASN A 254 1.42 -13.87 22.09
C ASN A 254 2.72 -14.38 21.45
N LEU A 255 2.65 -14.80 20.18
CA LEU A 255 3.84 -15.19 19.43
C LEU A 255 4.88 -14.06 19.44
N PRO A 256 6.17 -14.40 19.54
CA PRO A 256 7.24 -13.38 19.65
C PRO A 256 7.19 -12.41 18.47
N GLY A 257 6.70 -11.20 18.74
CA GLY A 257 6.01 -10.37 17.75
C GLY A 257 6.71 -9.97 16.48
N ALA A 258 6.45 -10.70 15.38
CA ALA A 258 6.65 -10.16 14.02
C ALA A 258 5.77 -8.89 13.90
N ASP A 259 4.48 -9.06 13.59
CA ASP A 259 3.46 -8.03 13.88
C ASP A 259 2.37 -8.66 14.71
N HIS A 260 2.75 -9.50 15.66
CA HIS A 260 1.79 -10.42 16.30
C HIS A 260 0.97 -9.76 17.38
N SER A 261 1.65 -8.98 18.20
CA SER A 261 1.12 -8.51 19.49
C SER A 261 -0.12 -7.64 19.36
N PHE A 262 -0.16 -6.87 18.27
CA PHE A 262 -1.20 -5.89 18.05
C PHE A 262 -2.20 -6.26 16.93
N ALA A 263 -1.95 -7.39 16.26
CA ALA A 263 -2.86 -7.91 15.24
C ALA A 263 -4.04 -8.60 15.92
N LEU A 264 -5.14 -8.73 15.21
CA LEU A 264 -6.29 -9.45 15.74
C LEU A 264 -6.04 -10.96 15.65
N ASN A 265 -6.49 -11.72 16.64
CA ASN A 265 -6.48 -13.18 16.55
C ASN A 265 -7.69 -13.64 15.73
N PRO A 266 -7.80 -14.93 15.41
CA PRO A 266 -8.89 -15.39 14.56
C PRO A 266 -10.29 -15.05 15.02
N ASP A 267 -10.53 -15.08 16.33
CA ASP A 267 -11.82 -14.75 16.92
C ASP A 267 -12.17 -13.30 16.73
N GLU A 268 -11.23 -12.44 17.13
CA GLU A 268 -11.37 -11.02 16.95
C GLU A 268 -11.57 -10.64 15.47
N LEU A 269 -10.94 -11.40 14.55
CA LEU A 269 -11.11 -11.15 13.11
C LEU A 269 -12.55 -11.40 12.69
N LYS A 270 -13.07 -12.59 13.02
CA LYS A 270 -14.49 -12.95 12.83
C LYS A 270 -15.43 -11.91 13.46
N GLU A 271 -15.05 -11.43 14.64
CA GLU A 271 -15.80 -10.42 15.37
C GLU A 271 -15.88 -9.11 14.58
N VAL A 273 -15.46 -8.71 11.27
CA VAL A 273 -16.28 -9.03 10.10
C VAL A 273 -17.78 -8.98 10.42
N ASP A 274 -18.18 -9.63 11.53
CA ASP A 274 -19.55 -9.59 11.97
C ASP A 274 -19.98 -8.14 12.32
N GLY A 275 -19.12 -7.40 13.01
CA GLY A 275 -19.35 -5.98 13.21
C GLY A 275 -19.65 -5.22 11.92
N ILE A 276 -18.75 -5.34 10.94
CA ILE A 276 -18.88 -4.67 9.63
C ILE A 276 -20.19 -5.05 8.95
N ARG A 277 -20.51 -6.35 8.96
CA ARG A 277 -21.62 -6.85 8.17
C ARG A 277 -22.94 -6.45 8.77
N LYS A 278 -22.96 -6.32 10.10
CA LYS A 278 -24.14 -5.89 10.83
C LYS A 278 -24.36 -4.41 10.57
N THR A 279 -23.28 -3.64 10.65
CA THR A 279 -23.31 -2.22 10.41
C THR A 279 -23.85 -1.98 9.01
N GLU A 280 -23.52 -2.87 8.06
CA GLU A 280 -23.93 -2.65 6.66
C GLU A 280 -25.43 -2.81 6.52
N ALA A 281 -25.95 -3.85 7.19
CA ALA A 281 -27.37 -4.20 7.17
C ALA A 281 -28.22 -3.21 8.00
N GLU A 282 -27.56 -2.64 9.04
CA GLU A 282 -28.21 -1.59 9.85
C GLU A 282 -28.40 -0.37 8.99
N LEU A 283 -27.41 -0.08 8.15
CA LEU A 283 -27.48 1.06 7.23
C LEU A 283 -28.60 0.85 6.22
N LYS A 284 -28.70 -0.38 5.70
CA LYS A 284 -29.72 -0.74 4.74
C LYS A 284 -31.13 -0.52 5.33
N GLN A 285 -31.21 -0.53 6.67
CA GLN A 285 -32.52 -0.36 7.37
C GLN A 285 -32.84 1.13 7.62
N GLY A 286 -31.78 1.96 7.70
CA GLY A 286 -31.91 3.44 7.84
C GLY A 286 -31.36 3.85 9.19
N ILE A 287 -30.68 2.89 9.91
CA ILE A 287 -30.17 3.19 11.24
C ILE A 287 -28.96 4.12 11.20
N THR A 288 -29.12 5.26 11.89
CA THR A 288 -28.21 6.43 11.79
C THR A 288 -26.76 6.22 12.31
N LYS A 289 -26.61 6.04 13.62
CA LYS A 289 -25.35 5.90 14.41
C LYS A 289 -24.21 6.90 14.14
N PRO A 290 -24.12 7.93 15.00
CA PRO A 290 -23.08 8.97 14.87
C PRO A 290 -21.69 8.41 15.15
N VAL A 291 -20.65 9.17 14.84
CA VAL A 291 -19.26 8.75 15.13
C VAL A 291 -18.64 9.80 16.05
N SER A 292 -17.91 9.36 17.08
CA SER A 292 -17.34 10.25 18.09
C SER A 292 -16.39 11.34 17.55
N GLU A 293 -16.31 12.45 18.29
CA GLU A 293 -15.34 13.52 18.01
C GLU A 293 -13.93 12.98 17.93
N LYS A 294 -13.67 11.94 18.72
CA LYS A 294 -12.35 11.38 18.93
C LYS A 294 -11.95 10.64 17.68
N LEU A 295 -12.89 9.90 17.09
CA LEU A 295 -12.62 9.17 15.85
C LEU A 295 -12.69 10.06 14.62
N LEU A 296 -13.55 11.08 14.61
CA LEU A 296 -13.64 11.95 13.43
C LEU A 296 -12.34 12.70 13.15
N GLY A 297 -11.75 13.25 14.19
CA GLY A 297 -10.60 14.14 14.03
C GLY A 297 -10.84 15.23 13.02
N SER A 298 -9.82 15.52 12.22
CA SER A 298 -9.85 16.57 11.21
C SER A 298 -9.95 16.00 9.78
N SER A 299 -10.79 16.64 8.95
CA SER A 299 -10.92 16.32 7.52
C SER A 299 -9.77 16.83 6.64
N TYR A 300 -8.88 17.66 7.20
CA TYR A 300 -7.70 18.10 6.45
C TYR A 300 -6.76 16.92 6.31
N LYS A 301 -6.65 16.40 5.08
CA LYS A 301 -5.79 15.24 4.78
C LYS A 301 -4.36 15.69 4.92
N THR A 302 -3.66 15.07 5.88
CA THR A 302 -2.30 15.46 6.23
C THR A 302 -1.60 14.40 7.11
N THR A 303 -0.29 14.53 7.32
CA THR A 303 0.44 13.66 8.26
C THR A 303 0.07 13.96 9.75
N THR A 304 0.08 12.94 10.60
CA THR A 304 -0.30 13.12 12.02
C THR A 304 0.88 13.57 12.91
N ALA A 305 0.55 13.97 14.15
CA ALA A 305 1.55 14.26 15.17
C ALA A 305 2.51 13.08 15.45
N ILE A 306 2.00 11.83 15.37
CA ILE A 306 2.79 10.59 15.57
C ILE A 306 3.45 9.99 14.30
N GLU A 307 3.14 10.56 13.13
CA GLU A 307 3.86 10.25 11.89
C GLU A 307 4.95 11.32 11.60
N GLY A 308 4.53 12.58 11.52
CA GLY A 308 5.45 13.73 11.44
C GLY A 308 6.23 13.92 10.14
N GLU A 309 5.57 14.51 9.14
CA GLU A 309 6.11 14.80 7.78
C GLU A 309 6.95 13.68 7.13
N ILE A 310 6.34 12.51 7.03
CA ILE A 310 6.94 11.35 6.36
C ILE A 310 6.96 11.56 4.86
N ARG A 311 6.09 12.45 4.39
CA ARG A 311 6.09 12.85 2.98
C ARG A 311 7.39 13.53 2.53
N ASN A 312 8.11 14.09 3.49
CA ASN A 312 9.42 14.71 3.22
C ASN A 312 10.59 13.73 3.38
N PHE A 313 10.60 12.95 4.47
CA PHE A 313 11.71 12.04 4.80
C PHE A 313 11.47 10.54 4.51
N ALA A 314 10.25 10.14 4.12
CA ALA A 314 9.93 8.72 3.92
C ALA A 314 9.37 8.27 2.56
N TYR A 315 8.72 9.18 1.82
CA TYR A 315 8.34 8.91 0.42
C TYR A 315 9.59 8.73 -0.45
N ARG A 316 9.40 8.28 -1.68
CA ARG A 316 10.54 8.05 -2.56
C ARG A 316 11.12 9.35 -3.14
N GLY A 317 12.36 9.29 -3.60
CA GLY A 317 12.98 10.34 -4.38
C GLY A 317 13.98 9.74 -5.34
N ILE A 318 14.67 10.61 -6.07
CA ILE A 318 15.61 10.14 -7.06
C ILE A 318 17.03 10.13 -6.48
N PHE A 319 17.68 8.96 -6.56
CA PHE A 319 18.96 8.74 -5.92
C PHE A 319 19.96 8.17 -6.87
N THR A 320 21.23 8.50 -6.70
CA THR A 320 22.29 7.91 -7.51
C THR A 320 22.54 6.47 -7.03
N THR A 321 22.64 5.55 -7.98
CA THR A 321 23.02 4.17 -7.67
C THR A 321 24.53 3.92 -7.85
N ALA A 322 25.22 4.85 -8.52
CA ALA A 322 26.69 4.83 -8.74
C ALA A 322 27.18 6.28 -8.66
N PRO A 323 28.50 6.55 -8.62
CA PRO A 323 28.95 7.94 -8.75
C PRO A 323 28.69 8.48 -10.16
N ILE A 324 28.14 9.68 -10.25
CA ILE A 324 27.91 10.28 -11.55
C ILE A 324 28.88 11.41 -11.77
N GLN A 325 29.50 11.45 -12.93
CA GLN A 325 30.47 12.48 -13.23
C GLN A 325 29.94 13.60 -14.11
N LYS A 326 30.55 14.76 -13.95
CA LYS A 326 30.14 15.98 -14.65
C LYS A 326 30.08 15.72 -16.15
N GLY A 327 28.93 15.95 -16.79
CA GLY A 327 28.83 15.75 -18.24
C GLY A 327 28.00 14.52 -18.58
N GLU A 328 27.90 13.60 -17.61
CA GLU A 328 27.36 12.28 -17.84
C GLU A 328 25.81 12.22 -17.89
N ALA A 329 25.30 11.59 -18.94
CA ALA A 329 23.86 11.40 -19.11
C ALA A 329 23.30 10.61 -17.91
N PHE A 330 22.11 10.98 -17.45
CA PHE A 330 21.42 10.25 -16.40
C PHE A 330 20.72 9.15 -17.10
N SER A 331 20.68 7.98 -16.46
CA SER A 331 19.96 6.86 -17.03
C SER A 331 19.51 5.88 -15.96
N GLU A 332 18.59 4.98 -16.34
CA GLU A 332 18.19 3.80 -15.59
C GLU A 332 19.40 3.13 -14.87
N ASP A 333 20.60 3.33 -15.38
CA ASP A 333 21.79 2.71 -14.83
C ASP A 333 22.57 3.46 -13.74
N ASN A 334 22.30 4.74 -13.54
CA ASN A 334 22.98 5.47 -12.47
C ASN A 334 22.07 6.22 -11.50
N ILE A 335 20.79 6.31 -11.82
CA ILE A 335 19.82 6.83 -10.86
C ILE A 335 18.60 5.92 -10.73
N ALA A 336 17.95 5.95 -9.56
CA ALA A 336 16.76 5.15 -9.31
C ALA A 336 15.80 5.84 -8.36
N VAL A 337 14.53 5.45 -8.44
CA VAL A 337 13.46 5.96 -7.55
C VAL A 337 13.45 5.06 -6.29
N LEU A 338 13.99 5.58 -5.19
CA LEU A 338 14.24 4.80 -3.97
C LEU A 338 13.74 5.51 -2.72
N ARG A 339 13.58 4.79 -1.62
CA ARG A 339 13.25 5.41 -0.35
C ARG A 339 14.55 5.93 0.26
N PRO A 340 14.50 7.11 0.86
CA PRO A 340 15.71 7.76 1.38
C PRO A 340 16.39 7.03 2.54
N GLY A 341 15.61 6.28 3.33
CA GLY A 341 16.11 5.75 4.60
C GLY A 341 16.55 6.91 5.48
N GLN A 342 17.82 6.91 5.86
CA GLN A 342 18.34 7.97 6.73
C GLN A 342 18.88 9.20 5.98
N LYS A 343 18.98 9.07 4.66
CA LYS A 343 19.64 10.05 3.80
C LYS A 343 18.70 11.21 3.50
N PRO A 344 19.24 12.41 3.21
CA PRO A 344 18.40 13.54 2.75
C PRO A 344 17.70 13.23 1.41
N GLN A 345 16.51 13.80 1.21
CA GLN A 345 15.58 13.39 0.15
C GLN A 345 16.12 13.72 -1.26
N GLY A 346 15.79 12.90 -2.26
CA GLY A 346 16.21 13.15 -3.65
C GLY A 346 15.11 13.94 -4.34
N LEU A 347 15.34 14.42 -5.57
CA LEU A 347 14.28 15.06 -6.38
C LEU A 347 13.01 14.23 -6.46
N HIS A 348 11.85 14.87 -6.52
CA HIS A 348 10.59 14.12 -6.67
C HIS A 348 10.60 13.17 -7.87
N PRO A 349 10.12 11.94 -7.70
CA PRO A 349 10.03 10.99 -8.81
C PRO A 349 9.32 11.49 -10.09
N ARG A 350 8.56 12.59 -10.01
CA ARG A 350 7.91 13.13 -11.23
C ARG A 350 8.95 13.60 -12.26
N PHE A 351 10.21 13.71 -11.87
CA PHE A 351 11.23 14.14 -12.82
C PHE A 351 12.07 13.00 -13.37
N PHE A 352 11.73 11.76 -13.05
CA PHE A 352 12.59 10.65 -13.41
C PHE A 352 12.66 10.47 -14.94
N GLU A 353 11.50 10.42 -15.59
CA GLU A 353 11.44 10.36 -17.06
C GLU A 353 12.26 11.44 -17.73
N LEU A 354 12.05 12.68 -17.32
CA LEU A 354 12.76 13.85 -17.84
C LEU A 354 14.27 13.69 -17.77
N LEU A 355 14.78 13.33 -16.60
CA LEU A 355 16.24 13.19 -16.47
C LEU A 355 16.78 12.05 -17.35
N THR A 356 16.13 10.89 -17.37
CA THR A 356 16.61 9.77 -18.20
C THR A 356 16.35 9.93 -19.69
N SER A 357 15.78 11.06 -20.11
CA SER A 357 15.56 11.32 -21.53
C SER A 357 16.73 12.08 -22.17
N GLY A 358 17.93 11.93 -21.59
CA GLY A 358 19.13 12.50 -22.15
C GLY A 358 19.65 13.74 -21.46
N VAL A 359 19.21 13.98 -20.23
CA VAL A 359 19.72 15.10 -19.46
C VAL A 359 21.08 14.66 -18.88
N ARG A 360 21.97 15.62 -18.62
CA ARG A 360 23.35 15.34 -18.13
C ARG A 360 23.69 16.05 -16.81
N ALA A 361 24.63 15.44 -16.01
CA ALA A 361 25.02 16.06 -14.73
C ALA A 361 25.82 17.35 -14.98
N VAL A 362 25.60 18.38 -14.15
CA VAL A 362 26.46 19.57 -14.25
C VAL A 362 27.62 19.59 -13.25
N ARG A 363 27.66 18.60 -12.37
CA ARG A 363 28.77 18.41 -11.45
C ARG A 363 28.80 16.95 -11.01
N ASP A 364 29.93 16.53 -10.45
CA ASP A 364 30.05 15.20 -9.85
C ASP A 364 29.00 14.96 -8.77
N ILE A 365 28.36 13.80 -8.81
CA ILE A 365 27.45 13.41 -7.74
C ILE A 365 27.96 12.10 -7.15
N PRO A 366 28.16 12.05 -5.82
CA PRO A 366 28.55 10.81 -5.16
C PRO A 366 27.45 9.72 -5.30
N ALA A 367 27.82 8.46 -5.19
CA ALA A 367 26.81 7.38 -5.21
C ALA A 367 25.98 7.52 -3.96
N ASP A 368 24.77 6.96 -3.97
CA ASP A 368 23.89 6.93 -2.80
C ASP A 368 23.44 8.27 -2.26
N THR A 369 23.35 9.25 -3.15
CA THR A 369 23.01 10.60 -2.75
C THR A 369 21.74 10.98 -3.49
N GLY A 370 20.82 11.63 -2.79
CA GLY A 370 19.64 12.11 -3.45
C GLY A 370 19.97 13.28 -4.36
N ILE A 371 19.42 13.21 -5.57
CA ILE A 371 19.54 14.26 -6.57
C ILE A 371 18.88 15.52 -6.10
N VAL A 372 19.44 16.64 -6.52
CA VAL A 372 19.16 17.94 -6.03
C VAL A 372 19.25 18.85 -7.27
N TRP A 373 18.71 20.06 -7.22
CA TRP A 373 18.62 20.90 -8.43
C TRP A 373 19.97 21.36 -8.90
N ASP A 374 20.86 21.60 -7.95
CA ASP A 374 22.19 22.05 -8.26
C ASP A 374 23.01 21.04 -9.05
N ASP A 375 22.55 19.79 -9.09
CA ASP A 375 23.23 18.74 -9.84
C ASP A 375 22.86 18.84 -11.31
N ILE A 376 21.74 19.52 -11.62
CA ILE A 376 21.24 19.57 -13.00
C ILE A 376 21.16 20.95 -13.65
N LEU A 377 21.19 22.01 -12.82
CA LEU A 377 21.06 23.38 -13.30
C LEU A 377 22.39 24.14 -13.37
N LEU A 378 22.61 24.74 -14.54
CA LEU A 378 23.88 25.38 -14.85
C LEU A 378 23.94 26.71 -14.11
N LYS A 379 25.01 26.93 -13.36
CA LYS A 379 25.16 28.18 -12.60
C LYS A 379 26.46 28.94 -12.90
N ASP A 380 27.31 28.37 -13.77
CA ASP A 380 28.63 28.94 -14.15
C ASP A 380 28.69 29.45 -15.60
#